data_6NTT
#
_entry.id   6NTT
#
_cell.length_a   41.880
_cell.length_b   64.680
_cell.length_c   69.080
_cell.angle_alpha   90.00
_cell.angle_beta   97.52
_cell.angle_gamma   90.00
#
_symmetry.space_group_name_H-M   'P 1 21 1'
#
loop_
_entity.id
_entity.type
_entity.pdbx_description
1 polymer 'Trypsin inhibitor A'
2 non-polymer 'naphthalene-1,5-disulfonic acid'
3 non-polymer '2-(N-MORPHOLINO)-ETHANESULFONIC ACID'
4 water water
#
_entity_poly.entity_id   1
_entity_poly.type   'polypeptide(L)'
_entity_poly.pdbx_seq_one_letter_code
;MKSTIFFLFLFCAFTTSYLPSAIADFVLDNEGNPLENGGTYYILSDITAFGGIRAAPTGNERCPLTVVQSRNELDKGIGT
IISSPYRIRFIAEGHPLSLKFDSFAVIMLCVGIPTEWSVVEDLPEGPAVKIGENKDAMDGWFRLERVSDDEFNNYKLVFC
PQQAEDDKCGDIGISIDHDDGTRRLVVSKNKPLVVQFQKLDKESLAKKNHGLSRSE
;
_entity_poly.pdbx_strand_id   A,B
#
loop_
_chem_comp.id
_chem_comp.type
_chem_comp.name
_chem_comp.formula
21D non-polymer 'naphthalene-1,5-disulfonic acid' 'C10 H8 O6 S2'
MES non-polymer '2-(N-MORPHOLINO)-ETHANESULFONIC ACID' 'C6 H13 N O4 S'
#
# COMPACT_ATOMS: atom_id res chain seq x y z
N ASP A 25 6.98 -7.33 -33.84
CA ASP A 25 7.04 -5.84 -33.75
C ASP A 25 7.64 -5.48 -32.40
N PHE A 26 7.99 -4.20 -32.19
CA PHE A 26 8.42 -3.67 -30.88
C PHE A 26 7.19 -3.64 -29.96
N VAL A 27 7.38 -3.95 -28.68
CA VAL A 27 6.35 -3.73 -27.62
C VAL A 27 6.28 -2.22 -27.37
N LEU A 28 5.08 -1.64 -27.50
CA LEU A 28 4.83 -0.18 -27.44
C LEU A 28 4.29 0.18 -26.05
N ASP A 29 4.85 1.25 -25.45
CA ASP A 29 4.30 1.88 -24.23
C ASP A 29 3.03 2.64 -24.64
N ASN A 30 2.33 3.22 -23.67
CA ASN A 30 0.97 3.78 -23.88
C ASN A 30 1.08 5.18 -24.49
N GLU A 31 2.30 5.61 -24.85
CA GLU A 31 2.56 6.88 -25.58
C GLU A 31 2.92 6.56 -27.03
N GLY A 32 2.89 5.29 -27.41
CA GLY A 32 3.17 4.80 -28.77
C GLY A 32 4.66 4.68 -29.05
N ASN A 33 5.50 4.64 -28.01
CA ASN A 33 6.97 4.47 -28.12
C ASN A 33 7.32 3.01 -27.83
N PRO A 34 8.37 2.46 -28.49
CA PRO A 34 8.88 1.13 -28.17
C PRO A 34 9.60 1.09 -26.81
N LEU A 35 9.38 0.05 -26.01
CA LEU A 35 10.04 -0.10 -24.68
C LEU A 35 11.57 -0.16 -24.86
N GLU A 36 12.31 0.70 -24.18
CA GLU A 36 13.80 0.63 -24.03
C GLU A 36 14.19 -0.68 -23.33
N ASN A 37 15.11 -1.44 -23.92
CA ASN A 37 15.71 -2.68 -23.37
C ASN A 37 16.41 -2.32 -22.04
N GLY A 38 15.72 -2.52 -20.92
CA GLY A 38 16.20 -2.20 -19.57
C GLY A 38 15.63 -0.90 -19.04
N GLY A 39 14.56 -0.38 -19.66
CA GLY A 39 13.80 0.78 -19.16
C GLY A 39 12.87 0.35 -18.04
N THR A 40 12.41 1.31 -17.22
CA THR A 40 11.47 1.08 -16.09
C THR A 40 10.06 1.53 -16.52
N TYR A 41 9.05 0.69 -16.26
CA TYR A 41 7.66 0.83 -16.74
C TYR A 41 6.68 0.35 -15.66
N TYR A 42 5.62 1.15 -15.42
CA TYR A 42 4.44 0.73 -14.63
C TYR A 42 3.61 -0.22 -15.49
N ILE A 43 3.24 -1.37 -14.93
CA ILE A 43 2.47 -2.42 -15.68
C ILE A 43 1.00 -2.25 -15.30
N LEU A 44 0.27 -1.41 -16.06
CA LEU A 44 -1.13 -1.04 -15.79
C LEU A 44 -2.08 -2.10 -16.35
N SER A 45 -3.19 -2.35 -15.65
CA SER A 45 -4.27 -3.30 -16.01
C SER A 45 -5.13 -2.67 -17.13
N ASP A 46 -5.53 -3.46 -18.12
CA ASP A 46 -6.44 -2.98 -19.19
C ASP A 46 -7.83 -2.73 -18.56
N ILE A 47 -8.31 -3.67 -17.74
CA ILE A 47 -9.63 -3.60 -17.05
C ILE A 47 -9.51 -2.55 -15.95
N THR A 48 -10.34 -1.52 -16.01
CA THR A 48 -10.22 -0.27 -15.22
C THR A 48 -10.72 -0.51 -13.79
N ALA A 49 -11.27 -1.70 -13.53
CA ALA A 49 -11.71 -2.15 -12.19
C ALA A 49 -10.50 -2.49 -11.32
N PHE A 50 -9.28 -2.49 -11.90
CA PHE A 50 -8.01 -2.87 -11.20
C PHE A 50 -6.91 -1.85 -11.47
N GLY A 51 -5.85 -1.93 -10.66
CA GLY A 51 -4.70 -1.04 -10.71
C GLY A 51 -3.47 -1.74 -11.27
N GLY A 52 -2.30 -1.18 -11.02
CA GLY A 52 -0.99 -1.65 -11.55
C GLY A 52 -0.56 -2.95 -10.89
N ILE A 53 0.65 -3.41 -11.21
CA ILE A 53 1.17 -4.71 -10.74
C ILE A 53 2.19 -4.41 -9.64
N ARG A 54 2.17 -5.18 -8.54
CA ARG A 54 3.08 -4.94 -7.39
C ARG A 54 3.35 -6.27 -6.69
N ALA A 55 4.01 -6.25 -5.53
CA ALA A 55 4.32 -7.46 -4.70
C ALA A 55 3.57 -7.41 -3.36
N ALA A 56 3.12 -8.55 -2.84
CA ALA A 56 2.36 -8.66 -1.58
C ALA A 56 2.52 -10.06 -0.98
N PRO A 57 2.42 -10.19 0.36
CA PRO A 57 2.45 -11.51 1.02
C PRO A 57 1.15 -12.28 0.76
N THR A 58 1.25 -13.58 0.49
CA THR A 58 0.11 -14.53 0.42
C THR A 58 0.47 -15.72 1.30
N GLY A 59 -0.49 -16.27 2.03
CA GLY A 59 -0.34 -17.49 2.86
C GLY A 59 0.66 -17.31 4.00
N ASN A 60 1.59 -18.26 4.12
CA ASN A 60 2.66 -18.31 5.16
C ASN A 60 3.63 -17.12 5.01
N GLU A 61 3.64 -16.43 3.87
CA GLU A 61 4.67 -15.42 3.51
C GLU A 61 4.70 -14.31 4.58
N ARG A 62 5.91 -13.94 5.01
CA ARG A 62 6.18 -12.92 6.05
C ARG A 62 6.64 -11.62 5.38
N CYS A 63 7.02 -11.70 4.09
CA CYS A 63 7.49 -10.56 3.26
C CYS A 63 6.66 -10.49 1.98
N PRO A 64 6.74 -9.41 1.18
CA PRO A 64 5.93 -9.29 -0.03
C PRO A 64 6.58 -9.95 -1.27
N LEU A 65 6.39 -11.26 -1.39
CA LEU A 65 7.09 -12.16 -2.34
C LEU A 65 6.19 -12.61 -3.49
N THR A 66 4.87 -12.40 -3.37
CA THR A 66 3.88 -12.77 -4.40
C THR A 66 3.69 -11.57 -5.34
N VAL A 67 3.78 -11.79 -6.66
CA VAL A 67 3.46 -10.72 -7.67
C VAL A 67 1.95 -10.75 -7.89
N VAL A 68 1.28 -9.61 -7.69
CA VAL A 68 -0.20 -9.52 -7.62
C VAL A 68 -0.70 -8.39 -8.51
N GLN A 69 -1.98 -8.44 -8.89
CA GLN A 69 -2.75 -7.32 -9.49
C GLN A 69 -3.49 -6.53 -8.37
N SER A 70 -3.13 -5.25 -8.19
CA SER A 70 -3.74 -4.33 -7.20
C SER A 70 -5.24 -4.22 -7.44
N ARG A 71 -6.03 -4.15 -6.36
CA ARG A 71 -7.51 -4.03 -6.44
C ARG A 71 -7.93 -2.57 -6.30
N ASN A 72 -6.94 -1.66 -6.14
CA ASN A 72 -7.10 -0.18 -6.09
C ASN A 72 -6.80 0.41 -7.47
N GLU A 73 -7.84 0.86 -8.19
CA GLU A 73 -7.75 1.44 -9.55
C GLU A 73 -6.72 2.57 -9.59
N LEU A 74 -6.48 3.27 -8.48
CA LEU A 74 -5.58 4.45 -8.45
C LEU A 74 -4.13 4.00 -8.24
N ASP A 75 -3.89 2.72 -7.92
CA ASP A 75 -2.53 2.18 -7.62
C ASP A 75 -1.80 1.86 -8.94
N LYS A 76 -0.77 2.64 -9.29
CA LYS A 76 0.01 2.46 -10.54
C LYS A 76 0.92 1.23 -10.42
N GLY A 77 1.13 0.76 -9.19
CA GLY A 77 1.95 -0.42 -8.89
C GLY A 77 3.40 -0.04 -8.76
N ILE A 78 4.33 -1.00 -8.85
CA ILE A 78 5.80 -0.76 -8.79
C ILE A 78 6.38 -0.69 -10.21
N GLY A 79 7.29 0.25 -10.44
CA GLY A 79 8.13 0.34 -11.65
C GLY A 79 8.78 -1.01 -11.90
N THR A 80 8.68 -1.52 -13.13
CA THR A 80 9.26 -2.81 -13.55
C THR A 80 10.37 -2.55 -14.58
N ILE A 81 11.61 -2.97 -14.26
CA ILE A 81 12.77 -2.91 -15.18
C ILE A 81 12.62 -4.08 -16.15
N ILE A 82 12.23 -3.79 -17.41
CA ILE A 82 11.97 -4.83 -18.46
C ILE A 82 13.15 -4.86 -19.42
N SER A 83 13.92 -5.95 -19.41
CA SER A 83 15.13 -6.11 -20.25
C SER A 83 15.11 -7.47 -20.95
N SER A 84 15.83 -7.58 -22.06
CA SER A 84 15.87 -8.77 -22.95
C SER A 84 17.32 -9.06 -23.28
N PRO A 85 17.73 -10.34 -23.32
CA PRO A 85 19.11 -10.68 -23.65
C PRO A 85 19.38 -10.52 -25.16
N TYR A 86 18.37 -10.09 -25.95
CA TYR A 86 18.43 -10.01 -27.44
C TYR A 86 19.56 -9.05 -27.84
N ARG A 87 19.73 -7.94 -27.13
CA ARG A 87 20.92 -7.05 -27.29
C ARG A 87 20.66 -6.03 -28.41
N ILE A 88 19.40 -5.73 -28.71
CA ILE A 88 18.98 -4.50 -29.46
C ILE A 88 18.35 -3.54 -28.45
N ARG A 89 18.21 -2.28 -28.86
CA ARG A 89 17.88 -1.10 -28.01
C ARG A 89 16.48 -1.27 -27.42
N PHE A 90 15.57 -1.89 -28.18
CA PHE A 90 14.10 -1.89 -27.93
C PHE A 90 13.59 -3.31 -27.66
N ILE A 91 12.48 -3.42 -26.93
CA ILE A 91 11.87 -4.70 -26.50
C ILE A 91 11.03 -5.24 -27.66
N ALA A 92 11.26 -6.51 -28.02
CA ALA A 92 10.65 -7.18 -29.19
C ALA A 92 9.52 -8.10 -28.71
N GLU A 93 8.35 -7.95 -29.33
CA GLU A 93 7.19 -8.86 -29.23
C GLU A 93 7.69 -10.29 -29.46
N GLY A 94 7.35 -11.22 -28.56
CA GLY A 94 7.60 -12.67 -28.72
C GLY A 94 9.05 -13.09 -28.49
N HIS A 95 9.92 -12.19 -28.01
CA HIS A 95 11.33 -12.48 -27.64
C HIS A 95 11.45 -12.66 -26.12
N PRO A 96 12.54 -13.27 -25.62
CA PRO A 96 12.68 -13.55 -24.19
C PRO A 96 12.94 -12.26 -23.40
N LEU A 97 12.23 -12.08 -22.29
CA LEU A 97 12.42 -10.92 -21.39
C LEU A 97 12.77 -11.43 -19.99
N SER A 98 13.36 -10.54 -19.19
CA SER A 98 13.44 -10.60 -17.72
C SER A 98 12.82 -9.31 -17.18
N LEU A 99 11.87 -9.43 -16.22
CA LEU A 99 11.20 -8.31 -15.50
C LEU A 99 11.75 -8.24 -14.07
N LYS A 100 12.08 -7.02 -13.60
CA LYS A 100 12.63 -6.80 -12.23
C LYS A 100 12.05 -5.53 -11.59
N PHE A 101 11.39 -5.66 -10.44
CA PHE A 101 10.87 -4.50 -9.67
C PHE A 101 12.05 -3.62 -9.24
N ASP A 102 11.87 -2.29 -9.26
CA ASP A 102 12.63 -1.32 -8.44
C ASP A 102 12.52 -1.65 -6.95
N SER A 103 13.46 -1.20 -6.14
CA SER A 103 13.33 -1.28 -4.65
C SER A 103 12.03 -0.58 -4.26
N PHE A 104 11.27 -1.17 -3.33
CA PHE A 104 10.01 -0.60 -2.78
C PHE A 104 10.03 -0.68 -1.26
N ALA A 105 9.10 0.05 -0.61
CA ALA A 105 8.97 0.11 0.87
C ALA A 105 8.67 -1.28 1.41
N VAL A 106 9.53 -1.78 2.31
CA VAL A 106 9.36 -3.11 2.97
C VAL A 106 9.71 -2.95 4.45
N ILE A 107 9.36 -3.92 5.30
CA ILE A 107 9.64 -3.88 6.76
C ILE A 107 11.10 -4.29 6.99
N MET A 108 11.67 -3.89 8.12
CA MET A 108 13.07 -4.19 8.51
C MET A 108 13.42 -5.62 8.11
N LEU A 109 12.55 -6.57 8.48
CA LEU A 109 12.76 -8.04 8.35
C LEU A 109 13.14 -8.42 6.91
N CYS A 110 12.61 -7.68 5.93
CA CYS A 110 12.59 -8.07 4.50
C CYS A 110 13.54 -7.17 3.68
N VAL A 111 14.49 -6.50 4.34
CA VAL A 111 15.32 -5.43 3.73
C VAL A 111 16.11 -5.99 2.54
N GLY A 112 16.45 -7.28 2.56
CA GLY A 112 17.33 -7.89 1.53
C GLY A 112 16.64 -8.22 0.21
N ILE A 113 15.33 -8.54 0.23
CA ILE A 113 14.67 -9.46 -0.73
C ILE A 113 14.94 -9.08 -2.18
N PRO A 114 15.42 -10.04 -3.01
CA PRO A 114 15.57 -9.83 -4.45
C PRO A 114 14.21 -9.59 -5.14
N THR A 115 14.21 -8.75 -6.17
CA THR A 115 13.00 -8.21 -6.85
C THR A 115 12.85 -8.82 -8.24
N GLU A 116 13.68 -9.81 -8.60
CA GLU A 116 13.62 -10.50 -9.92
CA GLU A 116 13.62 -10.49 -9.92
C GLU A 116 12.39 -11.40 -9.97
N TRP A 117 11.51 -11.19 -10.95
CA TRP A 117 10.33 -12.07 -11.17
C TRP A 117 10.85 -13.46 -11.55
N SER A 118 10.22 -14.51 -11.05
CA SER A 118 10.43 -15.92 -11.49
C SER A 118 9.11 -16.70 -11.35
N VAL A 119 9.07 -17.92 -11.86
CA VAL A 119 7.88 -18.81 -11.86
C VAL A 119 8.22 -20.03 -11.01
N VAL A 120 7.37 -20.35 -10.03
CA VAL A 120 7.56 -21.47 -9.08
C VAL A 120 6.47 -22.51 -9.31
N GLU A 121 6.86 -23.70 -9.77
CA GLU A 121 5.97 -24.87 -10.01
C GLU A 121 5.79 -25.60 -8.68
N ASP A 122 4.84 -26.55 -8.60
CA ASP A 122 4.60 -27.39 -7.39
C ASP A 122 4.01 -26.51 -6.29
N LEU A 123 3.22 -25.51 -6.67
CA LEU A 123 2.39 -24.69 -5.76
C LEU A 123 0.91 -24.95 -6.08
N PRO A 124 0.04 -25.08 -5.06
CA PRO A 124 -1.35 -25.49 -5.27
C PRO A 124 -2.15 -24.56 -6.19
N GLU A 125 -1.79 -23.28 -6.27
CA GLU A 125 -2.46 -22.30 -7.16
C GLU A 125 -1.94 -22.46 -8.60
N GLY A 126 -1.08 -23.46 -8.86
CA GLY A 126 -0.41 -23.65 -10.16
C GLY A 126 0.88 -22.85 -10.25
N PRO A 127 1.66 -22.94 -11.35
CA PRO A 127 2.88 -22.16 -11.51
C PRO A 127 2.67 -20.68 -11.16
N ALA A 128 3.37 -20.20 -10.12
CA ALA A 128 3.18 -18.88 -9.48
C ALA A 128 4.34 -17.95 -9.82
N VAL A 129 4.02 -16.71 -10.13
CA VAL A 129 5.00 -15.62 -10.35
C VAL A 129 5.36 -15.02 -8.98
N LYS A 130 6.62 -15.12 -8.61
CA LYS A 130 7.20 -14.71 -7.30
C LYS A 130 8.44 -13.84 -7.52
N ILE A 131 8.82 -13.07 -6.50
CA ILE A 131 10.15 -12.44 -6.39
C ILE A 131 10.87 -13.12 -5.22
N GLY A 132 12.02 -12.58 -4.79
CA GLY A 132 12.81 -13.09 -3.65
C GLY A 132 13.69 -14.29 -4.03
N GLU A 133 14.52 -14.72 -3.08
CA GLU A 133 15.35 -15.96 -3.19
C GLU A 133 14.43 -17.16 -3.37
N ASN A 134 14.48 -17.76 -4.56
CA ASN A 134 13.70 -18.98 -4.93
CA ASN A 134 13.71 -18.99 -4.91
C ASN A 134 14.67 -19.98 -5.60
N LYS A 135 14.83 -21.16 -5.01
CA LYS A 135 15.73 -22.24 -5.49
C LYS A 135 14.91 -23.25 -6.30
N ASP A 136 13.57 -23.13 -6.24
CA ASP A 136 12.59 -24.04 -6.90
C ASP A 136 12.17 -23.44 -8.26
N ALA A 137 12.47 -22.16 -8.48
CA ALA A 137 12.06 -21.38 -9.67
C ALA A 137 12.37 -22.18 -10.95
N MET A 138 11.51 -22.04 -11.96
CA MET A 138 11.63 -22.71 -13.27
C MET A 138 12.61 -21.92 -14.16
N ASP A 139 13.55 -22.62 -14.78
CA ASP A 139 14.39 -22.08 -15.88
C ASP A 139 13.48 -21.76 -17.06
N GLY A 140 13.56 -20.53 -17.57
CA GLY A 140 12.87 -20.07 -18.78
C GLY A 140 12.79 -18.56 -18.80
N TRP A 141 12.04 -18.00 -19.77
CA TRP A 141 11.92 -16.54 -20.01
C TRP A 141 10.45 -16.14 -20.06
N PHE A 142 10.16 -14.87 -19.78
CA PHE A 142 8.85 -14.24 -20.08
C PHE A 142 8.90 -13.74 -21.53
N ARG A 143 7.72 -13.49 -22.10
CA ARG A 143 7.56 -12.83 -23.42
C ARG A 143 6.26 -12.01 -23.39
N LEU A 144 6.28 -10.86 -24.06
CA LEU A 144 5.06 -10.03 -24.29
C LEU A 144 4.56 -10.31 -25.70
N GLU A 145 3.24 -10.56 -25.83
CA GLU A 145 2.53 -10.74 -27.12
C GLU A 145 1.37 -9.73 -27.14
N ARG A 146 1.20 -9.02 -28.24
CA ARG A 146 0.18 -7.95 -28.38
C ARG A 146 -1.18 -8.62 -28.52
N VAL A 147 -2.22 -8.03 -27.93
CA VAL A 147 -3.63 -8.51 -28.07
C VAL A 147 -4.41 -7.40 -28.78
N SER A 148 -5.46 -7.78 -29.52
CA SER A 148 -6.36 -6.87 -30.30
C SER A 148 -7.48 -6.34 -29.40
N GLU A 151 -6.88 2.62 -31.49
CA GLU A 151 -6.84 1.52 -30.50
C GLU A 151 -5.89 1.92 -29.37
N PHE A 152 -5.68 1.05 -28.39
CA PHE A 152 -4.64 1.16 -27.33
C PHE A 152 -3.55 0.12 -27.61
N ASN A 153 -2.54 0.03 -26.75
CA ASN A 153 -1.39 -0.91 -26.90
C ASN A 153 -1.42 -1.90 -25.73
N ASN A 154 -2.25 -2.93 -25.85
CA ASN A 154 -2.54 -3.96 -24.82
C ASN A 154 -1.72 -5.22 -25.12
N TYR A 155 -1.10 -5.78 -24.08
CA TYR A 155 -0.22 -6.98 -24.18
C TYR A 155 -0.66 -8.02 -23.16
N LYS A 156 -0.36 -9.28 -23.43
CA LYS A 156 -0.37 -10.37 -22.42
C LYS A 156 1.06 -10.84 -22.20
N LEU A 157 1.42 -11.18 -20.96
CA LEU A 157 2.68 -11.88 -20.60
C LEU A 157 2.46 -13.38 -20.81
N VAL A 158 3.47 -14.06 -21.35
CA VAL A 158 3.60 -15.55 -21.30
C VAL A 158 4.92 -15.87 -20.59
N PHE A 159 5.05 -17.11 -20.11
CA PHE A 159 6.29 -17.68 -19.57
C PHE A 159 6.63 -18.94 -20.36
N CYS A 160 7.83 -18.97 -20.93
CA CYS A 160 8.30 -20.09 -21.78
C CYS A 160 9.40 -20.84 -21.06
N PRO A 161 9.16 -22.10 -20.62
CA PRO A 161 10.21 -22.91 -20.01
C PRO A 161 11.22 -23.38 -21.07
N GLN A 162 12.50 -23.42 -20.72
CA GLN A 162 13.60 -23.81 -21.65
C GLN A 162 13.56 -25.33 -21.85
N GLN A 163 11.60 -34.23 -32.20
CA GLN A 163 10.63 -33.32 -31.53
C GLN A 163 10.55 -31.99 -32.29
N ALA A 164 9.77 -31.96 -33.38
CA ALA A 164 9.61 -30.82 -34.30
C ALA A 164 8.96 -29.63 -33.58
N GLU A 165 8.09 -29.90 -32.59
CA GLU A 165 7.10 -28.94 -32.03
C GLU A 165 7.83 -27.76 -31.36
N ASP A 166 8.52 -28.01 -30.23
CA ASP A 166 9.18 -26.97 -29.40
C ASP A 166 8.10 -25.99 -28.92
N ASP A 167 8.48 -24.75 -28.58
CA ASP A 167 7.57 -23.63 -28.21
C ASP A 167 6.69 -24.06 -27.02
N LYS A 168 5.35 -24.02 -27.16
CA LYS A 168 4.34 -24.36 -26.10
C LYS A 168 4.62 -23.53 -24.83
N CYS A 169 4.27 -22.23 -24.86
CA CYS A 169 4.44 -21.27 -23.74
C CYS A 169 3.16 -21.21 -22.90
N GLY A 170 3.21 -20.54 -21.74
CA GLY A 170 2.07 -20.44 -20.80
C GLY A 170 1.59 -19.01 -20.64
N ASP A 171 0.27 -18.78 -20.72
CA ASP A 171 -0.35 -17.46 -20.46
C ASP A 171 -0.26 -17.13 -18.98
N ILE A 172 0.20 -15.93 -18.65
CA ILE A 172 0.16 -15.38 -17.26
C ILE A 172 -1.24 -14.79 -17.09
N GLY A 173 -1.94 -15.17 -16.02
CA GLY A 173 -3.27 -14.63 -15.67
C GLY A 173 -3.46 -14.47 -14.18
N ILE A 174 -4.70 -14.22 -13.74
CA ILE A 174 -5.03 -14.02 -12.30
C ILE A 174 -5.66 -15.29 -11.73
N SER A 175 -5.17 -15.72 -10.56
CA SER A 175 -5.82 -16.69 -9.65
C SER A 175 -6.12 -16.00 -8.31
N ILE A 176 -7.40 -15.76 -8.03
CA ILE A 176 -7.86 -15.11 -6.77
C ILE A 176 -7.64 -16.09 -5.60
N ASP A 177 -6.90 -15.66 -4.58
CA ASP A 177 -6.74 -16.38 -3.30
C ASP A 177 -8.01 -16.14 -2.47
N HIS A 178 -8.83 -17.17 -2.29
CA HIS A 178 -10.21 -17.05 -1.73
C HIS A 178 -10.14 -16.64 -0.25
N ASP A 179 -9.03 -16.94 0.43
CA ASP A 179 -8.74 -16.51 1.83
C ASP A 179 -8.67 -14.98 1.95
N ASP A 180 -8.10 -14.32 0.94
CA ASP A 180 -7.61 -12.92 0.93
C ASP A 180 -8.41 -12.07 -0.08
N GLY A 181 -8.80 -12.67 -1.20
CA GLY A 181 -9.21 -11.95 -2.42
C GLY A 181 -8.00 -11.47 -3.22
N THR A 182 -6.79 -11.80 -2.75
CA THR A 182 -5.52 -11.41 -3.45
C THR A 182 -5.55 -11.94 -4.89
N ARG A 183 -5.21 -11.08 -5.85
CA ARG A 183 -5.24 -11.37 -7.31
C ARG A 183 -3.85 -11.78 -7.76
N ARG A 184 -3.56 -13.07 -7.76
CA ARG A 184 -2.18 -13.61 -7.91
C ARG A 184 -1.90 -13.89 -9.38
N LEU A 185 -0.72 -13.47 -9.88
CA LEU A 185 -0.21 -13.77 -11.26
C LEU A 185 0.27 -15.22 -11.32
N VAL A 186 -0.42 -16.06 -12.07
CA VAL A 186 -0.07 -17.50 -12.22
C VAL A 186 -0.02 -17.80 -13.71
N VAL A 187 0.46 -19.00 -14.06
CA VAL A 187 0.34 -19.56 -15.43
C VAL A 187 -0.95 -20.39 -15.47
N SER A 188 -1.87 -20.07 -16.38
CA SER A 188 -3.22 -20.69 -16.42
C SER A 188 -3.75 -20.75 -17.86
N LYS A 189 -4.57 -21.78 -18.13
CA LYS A 189 -5.34 -21.98 -19.37
C LYS A 189 -6.61 -21.13 -19.31
N ASN A 190 -6.64 -20.09 -18.47
CA ASN A 190 -7.78 -19.15 -18.32
C ASN A 190 -7.46 -17.84 -19.07
N LYS A 191 -8.48 -17.00 -19.24
CA LYS A 191 -8.32 -15.60 -19.73
C LYS A 191 -6.97 -15.07 -19.23
N PRO A 192 -6.08 -14.61 -20.13
CA PRO A 192 -4.83 -13.98 -19.70
C PRO A 192 -5.10 -12.61 -19.05
N LEU A 193 -4.12 -12.11 -18.30
CA LEU A 193 -4.07 -10.72 -17.79
C LEU A 193 -3.58 -9.81 -18.93
N VAL A 194 -4.38 -8.81 -19.30
CA VAL A 194 -4.07 -7.82 -20.37
C VAL A 194 -3.51 -6.57 -19.72
N VAL A 195 -2.31 -6.11 -20.12
CA VAL A 195 -1.60 -4.98 -19.46
C VAL A 195 -1.10 -3.96 -20.49
N GLN A 196 -0.90 -2.72 -20.03
CA GLN A 196 -0.23 -1.61 -20.77
C GLN A 196 1.00 -1.17 -19.97
N PHE A 197 1.84 -0.32 -20.56
CA PHE A 197 3.12 0.16 -19.97
C PHE A 197 3.16 1.69 -19.99
N GLN A 198 3.53 2.29 -18.87
CA GLN A 198 3.68 3.76 -18.69
C GLN A 198 5.15 4.03 -18.38
N LYS A 199 5.84 4.80 -19.22
CA LYS A 199 7.29 5.06 -19.06
C LYS A 199 7.48 5.81 -17.74
N LEU A 200 8.26 5.26 -16.82
CA LEU A 200 8.57 5.90 -15.51
C LEU A 200 9.56 7.04 -15.75
N ASP A 201 9.07 8.13 -16.36
CA ASP A 201 9.75 9.43 -16.56
C ASP A 201 9.41 9.96 -17.96
N ASP B 25 -16.11 7.54 30.70
CA ASP B 25 -16.20 6.06 30.49
C ASP B 25 -14.98 5.58 29.69
N PHE B 26 -14.59 4.31 29.89
CA PHE B 26 -13.52 3.64 29.10
C PHE B 26 -13.86 3.71 27.61
N VAL B 27 -12.86 3.98 26.77
CA VAL B 27 -12.99 3.81 25.30
C VAL B 27 -12.95 2.30 25.03
N LEU B 28 -13.95 1.77 24.33
CA LEU B 28 -14.08 0.33 24.01
C LEU B 28 -13.53 0.07 22.60
N ASP B 29 -12.87 -1.08 22.39
CA ASP B 29 -12.52 -1.58 21.03
C ASP B 29 -13.79 -2.16 20.40
N ASN B 30 -13.72 -2.60 19.13
CA ASN B 30 -14.91 -3.01 18.33
C ASN B 30 -15.26 -4.47 18.63
N GLU B 31 -14.66 -5.05 19.67
CA GLU B 31 -15.08 -6.36 20.23
C GLU B 31 -15.76 -6.13 21.59
N GLY B 32 -15.93 -4.88 21.99
CA GLY B 32 -16.61 -4.47 23.23
C GLY B 32 -15.71 -4.54 24.45
N ASN B 33 -14.38 -4.60 24.25
CA ASN B 33 -13.36 -4.65 25.34
C ASN B 33 -12.76 -3.26 25.52
N PRO B 34 -12.24 -2.92 26.72
CA PRO B 34 -11.64 -1.61 26.97
C PRO B 34 -10.25 -1.45 26.33
N LEU B 35 -9.96 -0.29 25.73
CA LEU B 35 -8.62 0.04 25.18
C LEU B 35 -7.56 -0.07 26.29
N GLU B 36 -6.50 -0.86 26.05
CA GLU B 36 -5.37 -1.06 26.99
C GLU B 36 -4.37 0.08 26.79
N ASN B 37 -3.92 0.67 27.91
CA ASN B 37 -2.91 1.75 27.94
C ASN B 37 -1.59 1.19 27.39
N GLY B 38 -1.33 1.42 26.11
CA GLY B 38 -0.11 0.99 25.42
C GLY B 38 -0.38 -0.19 24.48
N GLY B 39 -1.65 -0.52 24.27
CA GLY B 39 -2.09 -1.50 23.25
C GLY B 39 -2.00 -0.93 21.86
N THR B 40 -1.92 -1.81 20.84
CA THR B 40 -1.82 -1.47 19.40
C THR B 40 -3.18 -1.73 18.72
N TYR B 41 -3.65 -0.77 17.93
CA TYR B 41 -5.03 -0.72 17.37
C TYR B 41 -4.99 -0.20 15.93
N TYR B 42 -5.72 -0.85 15.04
CA TYR B 42 -6.15 -0.29 13.74
C TYR B 42 -7.24 0.75 14.04
N ILE B 43 -7.07 1.98 13.57
CA ILE B 43 -8.12 3.04 13.65
C ILE B 43 -8.94 2.93 12.36
N LEU B 44 -10.04 2.20 12.43
CA LEU B 44 -10.95 1.94 11.28
C LEU B 44 -12.01 3.04 11.20
N SER B 45 -12.53 3.28 9.99
CA SER B 45 -13.68 4.17 9.69
C SER B 45 -14.97 3.41 9.99
N ASP B 46 -16.03 4.09 10.44
CA ASP B 46 -17.27 3.40 10.84
C ASP B 46 -18.02 2.95 9.57
N ILE B 47 -17.53 1.86 8.96
CA ILE B 47 -18.11 1.25 7.72
C ILE B 47 -18.31 2.35 6.67
N THR B 48 -17.24 3.02 6.25
CA THR B 48 -17.20 4.00 5.14
C THR B 48 -16.44 3.39 3.96
N ALA B 49 -16.51 4.04 2.80
CA ALA B 49 -15.84 3.64 1.54
C ALA B 49 -14.35 4.03 1.60
N PHE B 50 -13.80 4.13 2.82
CA PHE B 50 -12.37 4.47 3.09
C PHE B 50 -11.83 3.51 4.15
N GLY B 51 -10.51 3.51 4.35
CA GLY B 51 -9.80 2.46 5.10
C GLY B 51 -9.18 3.01 6.37
N GLY B 52 -8.26 2.25 6.96
CA GLY B 52 -7.59 2.54 8.24
C GLY B 52 -6.66 3.74 8.13
N ILE B 53 -6.05 4.14 9.24
CA ILE B 53 -5.16 5.32 9.28
C ILE B 53 -3.75 4.84 8.96
N ARG B 54 -3.00 5.68 8.27
CA ARG B 54 -1.72 5.31 7.64
C ARG B 54 -0.86 6.57 7.65
N ALA B 55 0.43 6.45 7.32
CA ALA B 55 1.33 7.58 7.02
C ALA B 55 1.53 7.63 5.52
N ALA B 56 1.55 8.83 4.94
CA ALA B 56 1.80 9.04 3.50
C ALA B 56 2.41 10.43 3.30
N PRO B 57 3.23 10.59 2.24
CA PRO B 57 3.82 11.89 1.91
C PRO B 57 2.72 12.78 1.33
N THR B 58 2.72 14.08 1.65
CA THR B 58 1.88 15.10 0.98
C THR B 58 2.77 16.29 0.63
N GLY B 59 2.35 17.15 -0.30
CA GLY B 59 3.11 18.35 -0.71
C GLY B 59 4.50 17.98 -1.18
N ASN B 60 5.53 18.67 -0.67
CA ASN B 60 6.94 18.51 -1.10
C ASN B 60 7.58 17.28 -0.41
N GLU B 61 6.85 16.54 0.41
CA GLU B 61 7.40 15.49 1.30
C GLU B 61 8.01 14.35 0.46
N ARG B 62 9.13 13.80 0.92
CA ARG B 62 9.82 12.64 0.29
C ARG B 62 9.58 11.39 1.13
N CYS B 63 9.22 11.58 2.40
CA CYS B 63 8.97 10.47 3.37
C CYS B 63 7.56 10.56 3.89
N PRO B 64 6.96 9.43 4.30
CA PRO B 64 5.56 9.41 4.75
C PRO B 64 5.40 10.07 6.13
N LEU B 65 5.23 11.39 6.16
CA LEU B 65 5.22 12.25 7.37
C LEU B 65 3.80 12.68 7.70
N THR B 66 2.86 12.57 6.75
CA THR B 66 1.46 13.01 6.95
C THR B 66 0.65 11.80 7.44
N VAL B 67 -0.10 11.98 8.53
CA VAL B 67 -1.11 10.99 8.97
C VAL B 67 -2.36 11.19 8.12
N VAL B 68 -2.82 10.15 7.42
CA VAL B 68 -3.88 10.21 6.37
C VAL B 68 -4.90 9.10 6.65
N GLN B 69 -6.10 9.21 6.06
CA GLN B 69 -7.04 8.07 5.97
C GLN B 69 -6.89 7.40 4.59
N SER B 70 -6.48 6.13 4.56
CA SER B 70 -6.35 5.34 3.31
C SER B 70 -7.64 5.45 2.49
N ARG B 71 -7.53 5.49 1.17
CA ARG B 71 -8.69 5.58 0.25
C ARG B 71 -9.14 4.19 -0.16
N ASN B 72 -8.30 3.18 0.15
CA ASN B 72 -8.59 1.74 -0.06
C ASN B 72 -9.36 1.21 1.16
N GLU B 73 -10.65 0.92 0.97
CA GLU B 73 -11.55 0.31 1.99
C GLU B 73 -10.96 -1.03 2.45
N LEU B 74 -10.13 -1.68 1.63
CA LEU B 74 -9.50 -2.98 1.92
C LEU B 74 -8.29 -2.80 2.85
N ASP B 75 -7.85 -1.56 3.06
CA ASP B 75 -6.61 -1.23 3.80
C ASP B 75 -6.94 -0.93 5.29
N LYS B 76 -6.59 -1.86 6.17
CA LYS B 76 -6.78 -1.74 7.65
C LYS B 76 -5.83 -0.67 8.21
N GLY B 77 -4.87 -0.20 7.41
CA GLY B 77 -3.89 0.84 7.79
C GLY B 77 -2.76 0.26 8.63
N ILE B 78 -2.12 1.08 9.47
CA ILE B 78 -0.99 0.68 10.36
C ILE B 78 -1.49 0.57 11.81
N GLY B 79 -1.03 -0.45 12.54
CA GLY B 79 -1.15 -0.54 14.00
C GLY B 79 -0.71 0.76 14.68
N THR B 80 -1.55 1.30 15.55
CA THR B 80 -1.31 2.55 16.31
C THR B 80 -1.22 2.22 17.79
N ILE B 81 -0.06 2.49 18.40
CA ILE B 81 0.17 2.34 19.86
C ILE B 81 -0.50 3.52 20.58
N ILE B 82 -1.63 3.25 21.23
CA ILE B 82 -2.43 4.26 21.98
C ILE B 82 -2.02 4.19 23.45
N SER B 83 -1.45 5.28 23.96
CA SER B 83 -0.88 5.39 25.32
C SER B 83 -1.50 6.60 26.03
N SER B 84 -1.48 6.55 27.37
CA SER B 84 -1.78 7.67 28.31
C SER B 84 -0.64 7.72 29.32
N PRO B 85 -0.09 8.91 29.63
CA PRO B 85 0.99 9.01 30.62
C PRO B 85 0.55 8.77 32.07
N TYR B 86 -0.74 8.53 32.32
CA TYR B 86 -1.23 8.15 33.67
C TYR B 86 -0.94 6.67 33.88
N ARG B 87 -0.59 6.29 35.11
CA ARG B 87 -0.32 4.88 35.49
C ARG B 87 -1.67 4.15 35.65
N ILE B 88 -2.46 4.15 34.57
CA ILE B 88 -3.76 3.42 34.43
C ILE B 88 -3.51 2.13 33.64
N ARG B 89 -4.50 1.24 33.59
CA ARG B 89 -4.45 -0.01 32.79
C ARG B 89 -5.22 0.19 31.48
N PHE B 90 -6.41 0.81 31.54
CA PHE B 90 -7.37 0.99 30.41
C PHE B 90 -7.51 2.47 30.06
N ILE B 91 -7.80 2.77 28.79
CA ILE B 91 -7.93 4.17 28.27
C ILE B 91 -9.34 4.66 28.54
N ALA B 92 -9.46 5.82 29.18
CA ALA B 92 -10.74 6.48 29.52
C ALA B 92 -10.98 7.67 28.59
N GLU B 93 -12.20 7.81 28.09
CA GLU B 93 -12.69 9.00 27.36
C GLU B 93 -12.30 10.26 28.18
N GLY B 94 -11.68 11.26 27.55
CA GLY B 94 -11.28 12.53 28.21
C GLY B 94 -9.79 12.57 28.56
N HIS B 95 -9.14 11.42 28.78
CA HIS B 95 -7.72 11.31 29.18
C HIS B 95 -6.80 11.87 28.10
N PRO B 96 -5.63 12.42 28.49
CA PRO B 96 -4.58 12.80 27.55
C PRO B 96 -3.93 11.55 26.92
N LEU B 97 -3.77 11.53 25.60
CA LEU B 97 -3.15 10.36 24.91
C LEU B 97 -1.91 10.82 24.14
N SER B 98 -0.96 9.91 24.00
CA SER B 98 0.08 9.89 22.95
C SER B 98 -0.22 8.72 22.02
N LEU B 99 -0.29 8.99 20.71
CA LEU B 99 -0.57 8.00 19.66
C LEU B 99 0.70 7.78 18.82
N LYS B 100 1.03 6.52 18.52
CA LYS B 100 2.31 6.20 17.83
C LYS B 100 2.16 4.98 16.91
N PHE B 101 2.41 5.13 15.62
CA PHE B 101 2.53 3.98 14.68
C PHE B 101 3.65 3.06 15.17
N ASP B 102 3.45 1.75 15.12
CA ASP B 102 4.61 0.81 15.22
C ASP B 102 5.20 0.70 13.82
N SER B 103 6.40 0.11 13.73
CA SER B 103 7.29 0.07 12.54
C SER B 103 6.48 -0.28 11.30
N PHE B 104 6.64 0.48 10.22
CA PHE B 104 6.02 0.19 8.90
C PHE B 104 7.06 0.28 7.78
N ALA B 105 6.69 -0.26 6.61
CA ALA B 105 7.50 -0.29 5.38
C ALA B 105 7.75 1.16 4.93
N VAL B 106 9.03 1.52 4.82
CA VAL B 106 9.52 2.82 4.28
C VAL B 106 10.75 2.48 3.44
N ILE B 107 11.21 3.40 2.60
CA ILE B 107 12.39 3.16 1.71
C ILE B 107 13.65 3.52 2.49
N MET B 108 14.80 3.14 1.98
CA MET B 108 16.12 3.43 2.59
C MET B 108 16.11 4.85 3.14
N LEU B 109 15.70 5.81 2.33
CA LEU B 109 15.82 7.26 2.59
C LEU B 109 15.16 7.63 3.92
N CYS B 110 14.14 6.87 4.33
CA CYS B 110 13.16 7.28 5.37
C CYS B 110 13.25 6.42 6.64
N VAL B 111 14.27 5.56 6.75
CA VAL B 111 14.45 4.68 7.95
C VAL B 111 14.82 5.56 9.15
N GLY B 112 14.22 5.29 10.32
CA GLY B 112 14.60 5.94 11.59
C GLY B 112 13.74 7.13 11.97
N ILE B 113 12.84 7.61 11.10
CA ILE B 113 11.90 8.72 11.45
C ILE B 113 11.04 8.29 12.63
N PRO B 114 10.93 9.11 13.70
CA PRO B 114 10.01 8.82 14.80
C PRO B 114 8.54 8.83 14.35
N THR B 115 7.75 7.88 14.84
CA THR B 115 6.35 7.58 14.41
C THR B 115 5.31 8.17 15.37
N GLU B 116 5.76 9.00 16.31
CA GLU B 116 4.89 9.70 17.29
C GLU B 116 4.09 10.78 16.56
N TRP B 117 2.76 10.73 16.67
CA TRP B 117 1.85 11.73 16.08
C TRP B 117 2.09 13.07 16.78
N SER B 118 1.85 14.18 16.06
CA SER B 118 1.88 15.57 16.61
C SER B 118 0.99 16.44 15.72
N VAL B 119 0.77 17.69 16.12
CA VAL B 119 -0.07 18.69 15.39
C VAL B 119 0.82 19.89 15.06
N VAL B 120 0.88 20.27 13.79
CA VAL B 120 1.76 21.34 13.26
C VAL B 120 0.87 22.48 12.77
N GLU B 121 1.03 23.68 13.33
CA GLU B 121 0.31 24.90 12.88
C GLU B 121 1.13 25.57 11.76
N ASP B 122 0.69 26.75 11.29
CA ASP B 122 1.36 27.55 10.24
C ASP B 122 1.31 26.81 8.90
N LEU B 123 0.41 25.86 8.74
CA LEU B 123 0.24 25.06 7.51
C LEU B 123 -1.08 25.45 6.83
N PRO B 124 -1.09 25.63 5.50
CA PRO B 124 -2.25 26.21 4.82
C PRO B 124 -3.54 25.40 5.01
N GLU B 125 -3.45 24.09 5.22
CA GLU B 125 -4.64 23.21 5.44
C GLU B 125 -5.11 23.33 6.90
N GLY B 126 -4.49 24.22 7.68
CA GLY B 126 -4.77 24.38 9.12
C GLY B 126 -3.93 23.43 9.96
N PRO B 127 -4.10 23.40 11.32
CA PRO B 127 -3.36 22.48 12.17
C PRO B 127 -3.41 21.04 11.64
N ALA B 128 -2.23 20.49 11.33
CA ALA B 128 -2.07 19.21 10.58
C ALA B 128 -1.44 18.16 11.50
N VAL B 129 -1.96 16.95 11.45
CA VAL B 129 -1.43 15.78 12.21
C VAL B 129 -0.32 15.13 11.37
N LYS B 130 0.88 15.07 11.94
CA LYS B 130 2.14 14.66 11.28
C LYS B 130 2.89 13.70 12.22
N ILE B 131 3.83 12.92 11.68
CA ILE B 131 4.82 12.17 12.49
C ILE B 131 6.20 12.80 12.24
N GLY B 132 7.20 12.41 13.04
CA GLY B 132 8.58 12.96 12.96
C GLY B 132 8.72 14.27 13.70
N GLU B 133 9.96 14.73 13.89
CA GLU B 133 10.30 15.96 14.65
C GLU B 133 9.88 17.18 13.81
N ASN B 134 9.02 18.05 14.37
CA ASN B 134 8.56 19.31 13.73
C ASN B 134 8.69 20.47 14.73
N LYS B 135 9.34 21.55 14.31
CA LYS B 135 9.65 22.75 15.14
C LYS B 135 8.37 23.55 15.38
N ASP B 136 7.35 23.34 14.54
CA ASP B 136 6.03 24.04 14.57
C ASP B 136 4.99 23.15 15.25
N ALA B 137 5.39 21.94 15.69
CA ALA B 137 4.52 21.01 16.44
C ALA B 137 4.01 21.75 17.69
N MET B 138 2.72 21.62 17.98
CA MET B 138 2.04 22.28 19.13
C MET B 138 2.22 21.42 20.36
N ASP B 139 2.65 22.01 21.49
CA ASP B 139 2.54 21.41 22.85
C ASP B 139 1.05 21.20 23.17
N GLY B 140 0.66 19.97 23.54
CA GLY B 140 -0.73 19.59 23.83
C GLY B 140 -0.91 18.09 23.90
N TRP B 141 -2.16 17.63 24.00
CA TRP B 141 -2.52 16.19 24.15
C TRP B 141 -3.65 15.89 23.17
N PHE B 142 -3.68 14.67 22.63
CA PHE B 142 -4.87 14.10 21.97
C PHE B 142 -5.79 13.53 23.05
N ARG B 143 -7.09 13.43 22.74
CA ARG B 143 -8.11 12.84 23.63
C ARG B 143 -9.18 12.16 22.77
N LEU B 144 -9.73 11.05 23.25
CA LEU B 144 -10.85 10.34 22.60
C LEU B 144 -12.14 10.73 23.30
N GLU B 145 -13.21 10.95 22.52
CA GLU B 145 -14.59 11.29 22.96
C GLU B 145 -15.59 10.47 22.14
N ARG B 146 -16.72 10.08 22.75
CA ARG B 146 -17.85 9.39 22.08
C ARG B 146 -18.58 10.37 21.16
N VAL B 147 -19.15 9.87 20.06
CA VAL B 147 -19.99 10.66 19.10
C VAL B 147 -21.41 10.08 19.10
N SER B 148 -22.40 10.86 19.57
CA SER B 148 -23.78 10.41 19.95
C SER B 148 -24.63 10.01 18.73
N ASP B 149 -24.22 10.41 17.53
CA ASP B 149 -24.98 10.15 16.27
C ASP B 149 -24.28 9.03 15.48
N ASP B 150 -24.73 8.78 14.25
CA ASP B 150 -24.37 7.64 13.33
C ASP B 150 -24.62 6.32 14.05
N GLU B 151 -24.98 5.29 13.28
CA GLU B 151 -25.74 4.10 13.79
C GLU B 151 -24.83 2.97 14.26
N PHE B 152 -23.50 3.18 14.34
CA PHE B 152 -22.53 2.20 14.90
C PHE B 152 -21.96 2.71 16.22
N ASN B 153 -22.23 3.98 16.58
CA ASN B 153 -21.99 4.58 17.93
C ASN B 153 -20.49 4.61 18.27
N ASN B 154 -19.68 5.42 17.56
CA ASN B 154 -18.20 5.33 17.59
C ASN B 154 -17.58 6.58 18.22
N TYR B 155 -16.26 6.76 18.03
CA TYR B 155 -15.42 7.77 18.71
C TYR B 155 -14.77 8.76 17.73
N LYS B 156 -14.35 9.92 18.24
CA LYS B 156 -13.63 10.99 17.50
C LYS B 156 -12.38 11.38 18.30
N LEU B 157 -11.28 11.63 17.59
CA LEU B 157 -10.04 12.22 18.16
C LEU B 157 -10.20 13.72 18.24
N VAL B 158 -9.75 14.30 19.35
CA VAL B 158 -9.56 15.77 19.49
C VAL B 158 -8.10 15.99 19.85
N PHE B 159 -7.62 17.21 19.64
CA PHE B 159 -6.28 17.67 20.08
C PHE B 159 -6.47 18.93 20.89
N CYS B 160 -5.99 18.91 22.14
CA CYS B 160 -6.10 20.01 23.12
C CYS B 160 -4.76 20.71 23.23
N PRO B 161 -4.66 21.98 22.82
CA PRO B 161 -3.45 22.78 23.04
C PRO B 161 -3.22 23.12 24.53
N GLN B 162 -1.96 23.10 24.93
CA GLN B 162 -1.49 23.51 26.28
C GLN B 162 -0.99 24.96 26.20
N GLN B 163 -1.63 25.76 25.34
CA GLN B 163 -1.47 27.24 25.28
C GLN B 163 -2.86 27.89 25.31
N ALA B 164 -3.89 27.13 24.91
CA ALA B 164 -5.29 27.58 24.67
C ALA B 164 -5.85 28.28 25.91
N GLU B 165 -6.96 29.02 25.74
CA GLU B 165 -7.69 29.75 26.81
C GLU B 165 -6.75 30.67 27.58
N ASP B 167 -13.87 22.79 26.16
CA ASP B 167 -12.86 23.77 26.65
C ASP B 167 -11.85 24.05 25.53
N LYS B 168 -12.35 24.33 24.33
CA LYS B 168 -11.56 24.74 23.13
C LYS B 168 -10.41 23.75 22.91
N CYS B 169 -10.70 22.45 22.97
CA CYS B 169 -9.99 21.38 22.23
C CYS B 169 -10.48 21.39 20.78
N GLY B 170 -9.77 20.73 19.87
CA GLY B 170 -10.08 20.76 18.43
C GLY B 170 -10.51 19.40 17.90
N ASP B 171 -11.58 19.36 17.11
CA ASP B 171 -12.00 18.12 16.40
C ASP B 171 -10.97 17.83 15.31
N ILE B 172 -10.45 16.61 15.27
CA ILE B 172 -9.65 16.12 14.13
C ILE B 172 -10.60 15.53 13.08
N GLY B 173 -10.44 15.97 11.83
CA GLY B 173 -11.22 15.48 10.68
C GLY B 173 -10.35 15.32 9.46
N ILE B 174 -10.96 15.16 8.30
CA ILE B 174 -10.26 14.89 7.02
C ILE B 174 -10.28 16.17 6.18
N SER B 175 -9.11 16.53 5.62
CA SER B 175 -8.98 17.59 4.59
C SER B 175 -8.39 16.97 3.32
N ILE B 176 -9.18 16.89 2.25
CA ILE B 176 -8.75 16.27 0.98
C ILE B 176 -7.79 17.24 0.28
N ASP B 177 -6.57 16.78 -0.01
CA ASP B 177 -5.62 17.50 -0.90
C ASP B 177 -6.12 17.35 -2.34
N HIS B 178 -6.58 18.44 -2.96
CA HIS B 178 -7.28 18.43 -4.28
C HIS B 178 -6.29 18.06 -5.40
N ASP B 179 -4.99 18.18 -5.16
CA ASP B 179 -3.94 17.79 -6.13
C ASP B 179 -3.88 16.26 -6.19
N ASP B 180 -4.03 15.62 -5.01
CA ASP B 180 -3.67 14.21 -4.72
C ASP B 180 -4.92 13.36 -4.55
N GLY B 181 -5.96 13.93 -3.95
CA GLY B 181 -7.09 13.21 -3.34
C GLY B 181 -6.71 12.67 -1.97
N THR B 182 -5.50 12.99 -1.48
CA THR B 182 -4.99 12.46 -0.18
C THR B 182 -5.91 12.96 0.94
N ARG B 183 -6.29 12.06 1.85
CA ARG B 183 -7.25 12.33 2.96
C ARG B 183 -6.46 12.68 4.22
N ARG B 184 -6.20 13.96 4.44
CA ARG B 184 -5.30 14.47 5.51
C ARG B 184 -6.07 14.64 6.83
N LEU B 185 -5.48 14.23 7.96
CA LEU B 185 -6.04 14.45 9.32
C LEU B 185 -5.63 15.84 9.80
N VAL B 186 -6.59 16.77 9.87
CA VAL B 186 -6.34 18.15 10.35
C VAL B 186 -7.32 18.48 11.48
N VAL B 187 -7.09 19.60 12.16
CA VAL B 187 -8.05 20.20 13.14
C VAL B 187 -8.93 21.17 12.38
N SER B 188 -10.26 21.01 12.44
CA SER B 188 -11.24 21.89 11.73
C SER B 188 -12.59 21.86 12.46
N LYS B 189 -13.34 22.95 12.31
CA LYS B 189 -14.75 23.07 12.77
C LYS B 189 -15.68 22.41 11.75
N ASN B 190 -15.18 21.40 11.03
CA ASN B 190 -15.97 20.55 10.10
C ASN B 190 -16.23 19.20 10.76
N LYS B 191 -17.25 18.47 10.28
CA LYS B 191 -17.56 17.09 10.74
C LYS B 191 -16.27 16.43 11.18
N PRO B 192 -16.21 15.91 12.43
CA PRO B 192 -15.07 15.13 12.87
C PRO B 192 -14.99 13.81 12.07
N LEU B 193 -13.84 13.14 12.08
CA LEU B 193 -13.70 11.77 11.51
C LEU B 193 -14.07 10.78 12.61
N VAL B 194 -15.18 10.06 12.44
CA VAL B 194 -15.67 9.01 13.38
C VAL B 194 -14.88 7.73 13.14
N VAL B 195 -14.30 7.13 14.18
CA VAL B 195 -13.42 5.94 14.06
C VAL B 195 -13.87 4.85 15.05
N GLN B 196 -13.52 3.60 14.73
CA GLN B 196 -13.53 2.43 15.66
C GLN B 196 -12.08 1.96 15.83
N PHE B 197 -11.84 1.02 16.74
CA PHE B 197 -10.50 0.48 17.09
C PHE B 197 -10.56 -1.04 17.07
N GLN B 198 -9.63 -1.67 16.35
CA GLN B 198 -9.56 -3.14 16.16
C GLN B 198 -8.27 -3.63 16.80
N LYS B 199 -8.41 -4.52 17.78
CA LYS B 199 -7.28 -5.03 18.58
C LYS B 199 -6.31 -5.72 17.62
N LEU B 200 -5.11 -5.17 17.49
CA LEU B 200 -3.97 -5.81 16.79
C LEU B 200 -3.13 -6.58 17.83
N ASP B 201 -3.33 -7.90 17.92
CA ASP B 201 -2.62 -8.80 18.87
C ASP B 201 -1.89 -9.87 18.06
OAE 21D C . 0.72 -0.75 -1.15
OAE 21D C . 3.67 3.14 -2.72
SAQ 21D C . 0.13 0.26 -2.00
SAQ 21D C . 2.86 3.04 -1.53
OAA 21D C . 0.86 0.39 -3.28
OAA 21D C . 2.54 4.37 -0.98
OAB 21D C . -0.08 1.55 -1.40
OAB 21D C . 3.38 2.15 -0.51
CAM 21D C . -1.47 -0.35 -2.45
CAM 21D C . 1.31 2.36 -2.03
CAI 21D C . -2.36 0.53 -3.00
CAI 21D C . 0.42 3.21 -2.64
CAH 21D C . -3.63 0.13 -3.35
CAH 21D C . -0.84 2.76 -3.01
CAL 21D C . -4.04 -1.16 -3.16
CAL 21D C . -1.22 1.48 -2.77
CAP 21D C . -3.16 -2.13 -2.59
CAP 21D C . -0.34 0.55 -2.15
CAO 21D C . -1.83 -1.72 -2.24
CAO 21D C . 0.97 1.00 -1.77
CAK 21D C . -0.94 -2.69 -1.70
CAK 21D C . 1.86 0.07 -1.18
CAG 21D C . -1.35 -3.98 -1.52
CAG 21D C . 1.50 -1.24 -0.99
CAJ 21D C . -2.63 -4.39 -1.85
CAJ 21D C . 0.24 -1.68 -1.36
CAN 21D C . -3.53 -3.49 -2.35
CAN 21D C . -0.67 -0.82 -1.91
SAR 21D C . -5.19 -4.05 -2.60
SAR 21D C . -2.28 -1.45 -2.28
OAF 21D C . -5.98 -2.87 -2.89
OAF 21D C . -2.75 -0.74 -3.45
OAD 21D C . -5.58 -4.72 -1.39
OAD 21D C . -3.09 -1.23 -1.09
OAC 21D C . -5.15 -4.99 -3.76
OAC 21D C . -2.14 -2.93 -2.55
O1 MES D . -9.75 -10.12 -14.90
O1 MES D . -11.51 -13.84 -13.49
C2 MES D . -9.66 -10.84 -13.68
C2 MES D . -12.45 -12.93 -14.05
C3 MES D . -10.20 -12.24 -13.84
C3 MES D . -11.80 -11.92 -14.95
N4 MES D . -11.64 -12.18 -14.29
N4 MES D . -10.75 -11.17 -14.19
C5 MES D . -11.75 -11.32 -15.50
C5 MES D . -9.80 -12.14 -13.56
C6 MES D . -11.11 -9.97 -15.27
C6 MES D . -10.56 -13.12 -12.72
C7 MES D . -12.15 -13.56 -14.57
C7 MES D . -10.05 -10.16 -15.06
C8 MES D . -11.76 -14.07 -15.94
C8 MES D . -8.84 -10.71 -15.78
S MES D . -13.09 -14.90 -16.76
S MES D . -7.48 -9.57 -15.85
O1S MES D . -13.60 -13.98 -17.74
O1S MES D . -6.35 -10.26 -15.30
O2S MES D . -12.53 -16.08 -17.35
O2S MES D . -7.30 -9.23 -17.23
O3S MES D . -14.06 -15.21 -15.74
O3S MES D . -7.86 -8.42 -15.06
OAE 21D E . -4.38 6.09 0.05
OAE 21D E . -3.88 3.40 1.16
SAQ 21D E . -4.06 5.01 -0.88
SAQ 21D E . -3.12 2.72 0.03
OAA 21D E . -5.09 4.00 -0.90
OAA 21D E . -3.92 1.70 -0.60
OAB 21D E . -3.72 5.52 -2.19
OAB 21D E . -2.57 3.70 -0.88
CAM 21D E . -2.61 4.21 -0.25
CAM 21D E . -1.72 1.87 0.76
CAI 21D E . -1.51 4.99 -0.03
CAI 21D E . -0.61 2.62 1.01
CAH 21D E . -0.37 4.44 0.54
CAH 21D E . 0.51 2.02 1.58
CAL 21D E . -0.31 3.13 0.89
CAL 21D E . 0.52 0.69 1.89
CAP 21D E . -1.43 2.27 0.67
CAP 21D E . -0.61 -0.12 1.64
CAO 21D E . -2.61 2.81 0.08
CAO 21D E . -1.78 0.47 1.06
CAK 21D E . -3.73 1.97 -0.12
CAK 21D E . -2.90 -0.34 0.81
CAG 21D E . -3.68 0.65 0.24
CAG 21D E . -2.88 -1.68 1.10
CAJ 21D E . -2.54 0.11 0.82
CAJ 21D E . -1.77 -2.27 1.66
CAN 21D E . -1.44 0.88 1.04
CAN 21D E . -0.66 -1.52 1.93
SAR 21D E . -0.04 0.11 1.81
SAR 21D E . 0.73 -2.35 2.68
OAF 21D E . -0.25 -1.33 1.65
OAF 21D E . 1.13 -1.52 3.84
OAD 21D E . -0.07 0.50 3.20
OAD 21D E . 1.76 -2.40 1.68
OAC 21D E . 1.13 0.57 1.08
OAC 21D E . 0.24 -3.65 3.10
OAE 21D F . 12.91 13.62 11.16
OAE 21D F . 10.99 15.01 4.05
SAQ 21D F . 12.25 14.81 10.52
SAQ 21D F . 11.19 15.88 5.26
OAA 21D F . 10.90 14.97 10.98
OAA 21D F . 12.25 16.84 5.05
OAB 21D F . 13.07 16.00 10.63
OAB 21D F . 9.95 16.47 5.71
CAM 21D F . 12.13 14.45 8.78
CAM 21D F . 11.75 14.81 6.56
CAI 21D F . 12.47 13.19 8.38
CAI 21D F . 11.93 13.48 6.25
CAH 21D F . 12.36 12.83 7.04
CAH 21D F . 12.34 12.58 7.23
CAL 21D F . 11.92 13.73 6.11
CAL 21D F . 12.53 12.99 8.52
CAP 21D F . 11.58 15.05 6.47
CAP 21D F . 12.35 14.35 8.90
CAO 21D F . 11.69 15.43 7.85
CAO 21D F . 11.95 15.29 7.89
CAK 21D F . 11.32 16.75 8.21
CAK 21D F . 11.78 16.64 8.27
CAG 21D F . 10.86 17.64 7.28
CAG 21D F . 11.98 17.05 9.56
CAJ 21D F . 10.76 17.28 5.94
CAJ 21D F . 12.35 16.15 10.55
CAN 21D F . 11.11 16.02 5.54
CAN 21D F . 12.53 14.82 10.24
SAR 21D F . 10.96 15.66 3.81
SAR 21D F . 12.93 13.72 11.57
OAF 21D F . 10.22 14.40 3.71
OAF 21D F . 13.84 12.70 11.08
OAD 21D F . 12.29 15.51 3.30
OAD 21D F . 11.68 13.13 12.00
OAC 21D F . 10.24 16.77 3.24
OAC 21D F . 13.56 14.54 12.59
O1 MES G . 1.91 1.84 33.45
C2 MES G . 2.36 2.24 34.73
C3 MES G . 2.09 1.19 35.78
N4 MES G . 0.63 0.89 35.84
C5 MES G . 0.15 0.51 34.46
C6 MES G . 0.51 1.60 33.48
C7 MES G . 0.32 -0.17 36.86
C8 MES G . -0.54 -1.32 36.33
S MES G . -1.73 -1.88 37.52
O1S MES G . -2.80 -0.92 37.51
O2S MES G . -2.15 -3.18 37.07
O3S MES G . -1.04 -1.93 38.78
O1 MES H . 9.07 12.29 23.43
C2 MES H . 10.07 11.35 23.79
C3 MES H . 9.96 10.08 22.97
N4 MES H . 8.61 9.47 23.17
C5 MES H . 7.56 10.49 22.85
C6 MES H . 7.77 11.73 23.66
C7 MES H . 8.42 8.21 22.38
C8 MES H . 9.46 8.01 21.28
S MES H . 8.87 8.51 19.68
O1S MES H . 7.55 7.94 19.53
O2S MES H . 8.86 9.94 19.68
O3S MES H . 9.80 7.96 18.72
#